data_6JE8
#
_entry.id   6JE8
#
_cell.length_a   69.422
_cell.length_b   84.345
_cell.length_c   92.447
_cell.angle_alpha   90.000
_cell.angle_beta   90.000
_cell.angle_gamma   90.000
#
_symmetry.space_group_name_H-M   'P 21 21 21'
#
loop_
_entity.id
_entity.type
_entity.pdbx_description
1 polymer Beta-N-acetylhexosaminidase
2 non-polymer 'ZINC ION'
3 non-polymer GLYCEROL
4 non-polymer 'FORMIC ACID'
5 water water
#
_entity_poly.entity_id   1
_entity_poly.type   'polypeptide(L)'
_entity_poly.pdbx_seq_one_letter_code
;TAQYSIIPEPSRTELRQETAKTLQLLSDQEVPTLETDAYRLTVTPQGAHLASGGREGRIYGLATLRQLRDQLAGQPEGIP
CGVITDKPRYPWRGLMVDPARHFIPAADLKKFVDMMAYYKFNRLHLHLTDNQGWRLPVPGYPKLKSVASRREESFGDGIP
HEGMYTKQELKELVAYCAARGIDVIPEIDMPGHNQALHAAYPEFFCFPKPDMNVRTTAGNSKELVCPQKPEVWKFYASVF
NELKDIFPSGIVHLGGDEAPTELWEKCPLCREARTRAAMKDEQEQMKAFFAKTAALLAKNGQTPQFWYEGNAGIYHPGET
VYAWRQGQALQSIEKTKKAGLNLIMASSEYCYLDFPQIQGQRNWGWMKTTTLQKCYDLDPAFGKPEKEAGHIRGVHAPVW
AERLPDLNHLLYRAYPRACAIAEAGWSPMGVRSWENFRRKLADHRQFILKRFNYDMERTQGNEPAFRWE
;
_entity_poly.pdbx_strand_id   A
#
# COMPACT_ATOMS: atom_id res chain seq x y z
N THR A 1 -33.02 1.81 -16.89
CA THR A 1 -32.41 2.89 -17.66
C THR A 1 -30.90 2.65 -17.82
N ALA A 2 -30.38 2.98 -19.01
CA ALA A 2 -29.00 2.66 -19.34
C ALA A 2 -28.02 3.59 -18.64
N GLN A 3 -26.93 3.02 -18.12
CA GLN A 3 -25.99 3.79 -17.34
C GLN A 3 -24.57 3.32 -17.65
N TYR A 4 -23.59 3.99 -17.06
CA TYR A 4 -22.21 3.57 -17.20
C TYR A 4 -21.82 2.61 -16.08
N SER A 5 -20.74 1.87 -16.30
CA SER A 5 -20.22 0.99 -15.26
C SER A 5 -18.78 1.36 -14.93
N ILE A 6 -18.55 2.61 -14.56
CA ILE A 6 -17.23 3.10 -14.23
C ILE A 6 -16.98 2.88 -12.74
N ILE A 7 -15.86 2.24 -12.40
CA ILE A 7 -15.39 2.11 -11.03
C ILE A 7 -14.01 2.76 -10.97
N PRO A 8 -13.78 3.72 -10.07
CA PRO A 8 -14.72 4.27 -9.09
C PRO A 8 -15.82 5.15 -9.69
N GLU A 9 -16.96 5.18 -9.00
CA GLU A 9 -18.08 5.99 -9.45
C GLU A 9 -17.65 7.45 -9.55
N PRO A 10 -17.91 8.11 -10.68
CA PRO A 10 -17.52 9.52 -10.82
C PRO A 10 -18.31 10.41 -9.88
N SER A 11 -17.71 11.54 -9.55
CA SER A 11 -18.39 12.46 -8.63
C SER A 11 -19.65 13.06 -9.27
N ARG A 12 -19.70 13.17 -10.59
CA ARG A 12 -20.94 13.63 -11.22
C ARG A 12 -21.10 13.01 -12.61
N THR A 13 -22.27 12.42 -12.87
CA THR A 13 -22.60 11.88 -14.18
C THR A 13 -23.96 12.44 -14.59
N GLU A 14 -24.03 13.07 -15.77
CA GLU A 14 -25.27 13.61 -16.32
C GLU A 14 -25.52 12.91 -17.65
N LEU A 15 -26.44 11.95 -17.66
CA LEU A 15 -26.73 11.19 -18.86
C LEU A 15 -27.74 11.90 -19.75
N ARG A 16 -27.68 11.62 -21.04
CA ARG A 16 -28.56 12.17 -22.05
C ARG A 16 -29.30 11.05 -22.76
N GLN A 17 -30.45 11.38 -23.36
CA GLN A 17 -31.30 10.38 -24.00
C GLN A 17 -30.93 10.19 -25.47
N GLU A 18 -29.66 9.91 -25.70
CA GLU A 18 -29.13 9.53 -27.00
C GLU A 18 -28.04 8.49 -26.77
N THR A 19 -27.70 7.76 -27.83
CA THR A 19 -26.78 6.63 -27.75
CA THR A 19 -26.78 6.63 -27.74
C THR A 19 -25.53 6.92 -28.58
N ALA A 20 -24.37 6.46 -28.09
CA ALA A 20 -23.11 6.61 -28.79
C ALA A 20 -22.59 5.22 -29.15
N LYS A 21 -22.19 5.03 -30.40
CA LYS A 21 -21.59 3.78 -30.83
C LYS A 21 -20.11 3.91 -31.14
N THR A 22 -19.53 5.09 -30.92
CA THR A 22 -18.10 5.30 -31.04
C THR A 22 -17.64 6.12 -29.86
N LEU A 23 -16.40 5.86 -29.43
CA LEU A 23 -15.77 6.67 -28.40
C LEU A 23 -14.48 7.31 -28.92
N GLN A 24 -14.37 7.48 -30.24
CA GLN A 24 -13.23 8.19 -30.83
C GLN A 24 -13.01 9.51 -30.11
N LEU A 25 -11.76 9.75 -29.69
CA LEU A 25 -11.44 10.99 -28.98
C LEU A 25 -11.38 12.13 -30.00
N LEU A 26 -12.36 13.04 -29.93
CA LEU A 26 -12.48 14.18 -30.84
C LEU A 26 -11.73 15.43 -30.36
N SER A 27 -11.56 15.59 -29.06
CA SER A 27 -10.81 16.72 -28.54
C SER A 27 -10.23 16.36 -27.19
N ASP A 28 -9.15 17.04 -26.84
CA ASP A 28 -8.34 16.69 -25.67
C ASP A 28 -7.63 17.99 -25.29
N GLN A 29 -8.18 18.69 -24.30
CA GLN A 29 -7.70 20.03 -23.95
C GLN A 29 -7.39 20.11 -22.46
N GLU A 30 -6.40 20.93 -22.13
CA GLU A 30 -6.15 21.31 -20.75
C GLU A 30 -6.76 22.69 -20.51
N VAL A 31 -7.53 22.83 -19.44
CA VAL A 31 -8.22 24.09 -19.18
C VAL A 31 -8.02 24.52 -17.73
N PRO A 32 -7.93 25.82 -17.46
CA PRO A 32 -7.75 26.29 -16.08
C PRO A 32 -9.03 26.27 -15.27
N THR A 33 -10.16 25.97 -15.90
CA THR A 33 -11.46 25.90 -15.23
C THR A 33 -11.74 24.55 -14.62
N LEU A 34 -10.75 23.65 -14.61
CA LEU A 34 -10.83 22.40 -13.85
C LEU A 34 -9.62 22.31 -12.94
N GLU A 35 -9.80 21.67 -11.78
CA GLU A 35 -8.68 21.44 -10.88
C GLU A 35 -7.68 20.49 -11.54
N THR A 36 -6.41 20.53 -11.08
CA THR A 36 -5.38 19.77 -11.79
C THR A 36 -5.61 18.27 -11.73
N ASP A 37 -6.40 17.79 -10.76
CA ASP A 37 -6.72 16.36 -10.62
C ASP A 37 -8.12 16.04 -11.15
N ALA A 38 -8.71 16.94 -11.93
CA ALA A 38 -10.10 16.81 -12.36
C ALA A 38 -10.20 16.71 -13.87
N TYR A 39 -11.30 16.11 -14.34
CA TYR A 39 -11.56 16.08 -15.77
C TYR A 39 -13.06 16.18 -16.03
N ARG A 40 -13.38 16.50 -17.27
CA ARG A 40 -14.73 16.43 -17.81
C ARG A 40 -14.68 15.66 -19.12
N LEU A 41 -15.44 14.57 -19.19
CA LEU A 41 -15.53 13.74 -20.38
C LEU A 41 -16.95 13.79 -20.91
N THR A 42 -17.11 14.24 -22.15
CA THR A 42 -18.41 14.36 -22.79
C THR A 42 -18.50 13.30 -23.87
N VAL A 43 -19.50 12.42 -23.76
CA VAL A 43 -19.74 11.35 -24.71
C VAL A 43 -20.90 11.77 -25.61
N THR A 44 -20.65 11.85 -26.91
CA THR A 44 -21.63 12.28 -27.90
C THR A 44 -21.74 11.22 -28.97
N PRO A 45 -22.79 11.26 -29.80
CA PRO A 45 -22.90 10.25 -30.87
C PRO A 45 -21.73 10.28 -31.85
N GLN A 46 -21.02 11.40 -31.95
CA GLN A 46 -19.90 11.51 -32.85
C GLN A 46 -18.58 11.08 -32.21
N GLY A 47 -18.54 10.92 -30.90
CA GLY A 47 -17.28 10.67 -30.23
C GLY A 47 -17.21 11.42 -28.91
N ALA A 48 -16.05 11.33 -28.28
CA ALA A 48 -15.87 11.82 -26.93
C ALA A 48 -14.97 13.07 -26.92
N HIS A 49 -15.21 13.95 -25.96
CA HIS A 49 -14.41 15.15 -25.75
C HIS A 49 -13.85 15.11 -24.34
N LEU A 50 -12.56 15.34 -24.19
CA LEU A 50 -11.92 15.32 -22.88
C LEU A 50 -11.35 16.68 -22.57
N ALA A 51 -11.66 17.20 -21.38
CA ALA A 51 -10.99 18.37 -20.84
C ALA A 51 -10.44 18.00 -19.48
N SER A 52 -9.27 18.53 -19.13
CA SER A 52 -8.66 18.21 -17.86
C SER A 52 -7.95 19.43 -17.32
N GLY A 53 -7.80 19.48 -16.01
CA GLY A 53 -7.11 20.60 -15.39
C GLY A 53 -5.62 20.47 -15.31
N GLY A 54 -5.09 19.30 -15.62
CA GLY A 54 -3.66 19.06 -15.51
C GLY A 54 -3.38 17.62 -15.90
N ARG A 55 -2.08 17.28 -15.91
CA ARG A 55 -1.69 15.93 -16.34
C ARG A 55 -2.38 14.85 -15.51
N GLU A 56 -2.54 15.09 -14.21
CA GLU A 56 -3.13 14.08 -13.34
C GLU A 56 -4.59 13.83 -13.71
N GLY A 57 -5.38 14.91 -13.77
CA GLY A 57 -6.76 14.79 -14.21
C GLY A 57 -6.89 14.16 -15.58
N ARG A 58 -5.91 14.42 -16.47
CA ARG A 58 -5.96 13.80 -17.79
C ARG A 58 -5.74 12.30 -17.72
N ILE A 59 -4.79 11.85 -16.89
CA ILE A 59 -4.63 10.41 -16.70
C ILE A 59 -5.93 9.78 -16.24
N TYR A 60 -6.61 10.42 -15.27
CA TYR A 60 -7.87 9.85 -14.77
C TYR A 60 -8.95 9.86 -15.85
N GLY A 61 -9.04 10.94 -16.62
CA GLY A 61 -10.03 10.99 -17.69
C GLY A 61 -9.82 9.91 -18.72
N LEU A 62 -8.57 9.68 -19.10
CA LEU A 62 -8.27 8.60 -20.04
C LEU A 62 -8.54 7.23 -19.42
N ALA A 63 -8.39 7.07 -18.10
CA ALA A 63 -8.76 5.81 -17.45
C ALA A 63 -10.27 5.59 -17.50
N THR A 64 -11.05 6.64 -17.29
CA THR A 64 -12.50 6.53 -17.44
C THR A 64 -12.86 6.19 -18.88
N LEU A 65 -12.23 6.87 -19.85
CA LEU A 65 -12.49 6.56 -21.26
C LEU A 65 -12.16 5.10 -21.57
N ARG A 66 -11.09 4.57 -20.95
CA ARG A 66 -10.72 3.17 -21.15
CA ARG A 66 -10.72 3.17 -21.15
C ARG A 66 -11.83 2.24 -20.67
N GLN A 67 -12.40 2.52 -19.48
CA GLN A 67 -13.49 1.67 -18.99
C GLN A 67 -14.72 1.79 -19.88
N LEU A 68 -15.02 3.00 -20.37
CA LEU A 68 -16.16 3.16 -21.27
C LEU A 68 -15.93 2.41 -22.58
N ARG A 69 -14.69 2.38 -23.07
CA ARG A 69 -14.41 1.60 -24.28
C ARG A 69 -14.64 0.11 -24.04
N ASP A 70 -14.24 -0.38 -22.86
CA ASP A 70 -14.51 -1.78 -22.53
C ASP A 70 -16.02 -2.05 -22.46
N GLN A 71 -16.77 -1.12 -21.86
CA GLN A 71 -18.23 -1.27 -21.82
C GLN A 71 -18.82 -1.30 -23.21
N LEU A 72 -18.39 -0.37 -24.07
CA LEU A 72 -18.93 -0.31 -25.43
C LEU A 72 -18.59 -1.56 -26.21
N ALA A 73 -17.38 -2.09 -25.99
CA ALA A 73 -17.01 -3.34 -26.64
C ALA A 73 -17.97 -4.45 -26.27
N GLY A 74 -18.50 -4.42 -25.04
CA GLY A 74 -19.52 -5.39 -24.70
C GLY A 74 -20.97 -5.01 -25.02
N GLN A 75 -21.22 -3.82 -25.57
CA GLN A 75 -22.58 -3.31 -25.81
C GLN A 75 -22.67 -2.76 -27.22
N PRO A 76 -22.84 -3.64 -28.22
CA PRO A 76 -22.88 -3.17 -29.61
C PRO A 76 -24.04 -2.23 -29.91
N GLU A 77 -25.10 -2.25 -29.11
CA GLU A 77 -26.18 -1.29 -29.27
C GLU A 77 -25.76 0.13 -28.90
N GLY A 78 -24.64 0.29 -28.20
CA GLY A 78 -24.13 1.59 -27.81
C GLY A 78 -24.23 1.81 -26.32
N ILE A 79 -23.64 2.93 -25.90
CA ILE A 79 -23.69 3.39 -24.51
C ILE A 79 -24.34 4.77 -24.49
N PRO A 80 -24.86 5.19 -23.33
CA PRO A 80 -25.52 6.50 -23.27
C PRO A 80 -24.56 7.64 -23.54
N CYS A 81 -25.08 8.68 -24.17
CA CYS A 81 -24.37 9.94 -24.21
C CYS A 81 -24.48 10.61 -22.86
N GLY A 82 -23.57 11.54 -22.58
CA GLY A 82 -23.64 12.22 -21.30
C GLY A 82 -22.37 12.98 -21.02
N VAL A 83 -22.30 13.53 -19.80
CA VAL A 83 -21.17 14.34 -19.35
C VAL A 83 -20.74 13.84 -17.98
N ILE A 84 -19.48 13.47 -17.85
CA ILE A 84 -18.90 13.02 -16.58
C ILE A 84 -17.98 14.13 -16.11
N THR A 85 -18.21 14.65 -14.90
CA THR A 85 -17.30 15.63 -14.31
C THR A 85 -16.80 15.01 -13.01
N ASP A 86 -15.49 14.94 -12.85
CA ASP A 86 -14.96 13.98 -11.89
C ASP A 86 -13.65 14.47 -11.27
N LYS A 87 -13.51 14.24 -9.97
CA LYS A 87 -12.26 14.46 -9.25
C LYS A 87 -12.32 13.65 -7.96
N PRO A 88 -11.19 13.20 -7.45
CA PRO A 88 -11.20 12.26 -6.32
C PRO A 88 -11.51 12.90 -4.98
N ARG A 89 -12.19 12.11 -4.14
CA ARG A 89 -12.47 12.53 -2.77
C ARG A 89 -11.18 12.68 -1.96
N TYR A 90 -10.27 11.71 -2.07
CA TYR A 90 -9.01 11.71 -1.32
C TYR A 90 -7.82 11.68 -2.25
N PRO A 91 -6.73 12.36 -1.89
CA PRO A 91 -5.54 12.38 -2.75
C PRO A 91 -4.62 11.18 -2.60
N TRP A 92 -4.81 10.35 -1.57
CA TRP A 92 -4.01 9.14 -1.38
C TRP A 92 -4.91 7.93 -1.53
N ARG A 93 -4.67 7.13 -2.57
CA ARG A 93 -5.45 5.91 -2.81
C ARG A 93 -4.44 4.82 -3.15
N GLY A 94 -4.17 3.94 -2.19
CA GLY A 94 -2.99 3.10 -2.24
C GLY A 94 -3.26 1.61 -2.10
N LEU A 95 -2.33 0.84 -2.66
CA LEU A 95 -2.23 -0.58 -2.37
C LEU A 95 -0.80 -0.86 -1.91
N MET A 96 -0.65 -1.81 -1.00
CA MET A 96 0.68 -2.25 -0.59
C MET A 96 0.89 -3.69 -1.02
N VAL A 97 2.05 -3.97 -1.64
CA VAL A 97 2.47 -5.34 -1.91
C VAL A 97 3.63 -5.68 -0.99
N ASP A 98 3.88 -6.99 -0.84
CA ASP A 98 4.77 -7.51 0.21
C ASP A 98 5.77 -8.48 -0.42
N PRO A 99 6.72 -7.98 -1.20
CA PRO A 99 7.76 -8.86 -1.76
C PRO A 99 8.73 -9.41 -0.73
N ALA A 100 8.86 -8.78 0.45
CA ALA A 100 9.66 -9.40 1.51
C ALA A 100 9.15 -10.80 1.85
N ARG A 101 7.83 -10.97 1.94
CA ARG A 101 7.30 -12.28 2.30
C ARG A 101 7.30 -13.23 1.11
N HIS A 102 6.90 -12.77 -0.07
CA HIS A 102 7.04 -13.56 -1.29
C HIS A 102 7.44 -12.63 -2.42
N PHE A 103 8.61 -12.88 -3.00
CA PHE A 103 9.16 -12.03 -4.03
C PHE A 103 8.20 -11.91 -5.21
N ILE A 104 8.06 -10.71 -5.74
CA ILE A 104 7.20 -10.46 -6.89
C ILE A 104 8.10 -10.09 -8.07
N PRO A 105 8.24 -10.95 -9.07
CA PRO A 105 9.07 -10.60 -10.24
C PRO A 105 8.57 -9.34 -10.94
N ALA A 106 9.52 -8.66 -11.62
CA ALA A 106 9.24 -7.40 -12.32
C ALA A 106 8.00 -7.48 -13.21
N ALA A 107 7.92 -8.52 -14.06
CA ALA A 107 6.77 -8.64 -14.97
C ALA A 107 5.45 -8.69 -14.21
N ASP A 108 5.44 -9.39 -13.07
CA ASP A 108 4.23 -9.51 -12.29
C ASP A 108 3.87 -8.19 -11.63
N LEU A 109 4.87 -7.45 -11.15
CA LEU A 109 4.61 -6.11 -10.62
C LEU A 109 3.97 -5.22 -11.69
N LYS A 110 4.46 -5.29 -12.94
CA LYS A 110 3.86 -4.49 -14.01
C LYS A 110 2.39 -4.82 -14.20
N LYS A 111 2.05 -6.11 -14.20
CA LYS A 111 0.63 -6.46 -14.33
C LYS A 111 -0.20 -5.90 -13.16
N PHE A 112 0.33 -6.04 -11.93
CA PHE A 112 -0.35 -5.52 -10.75
C PHE A 112 -0.58 -4.02 -10.88
N VAL A 113 0.43 -3.30 -11.37
CA VAL A 113 0.34 -1.86 -11.53
C VAL A 113 -0.69 -1.48 -12.60
N ASP A 114 -0.70 -2.18 -13.74
CA ASP A 114 -1.71 -1.87 -14.76
C ASP A 114 -3.12 -2.04 -14.20
N MET A 115 -3.34 -3.11 -13.42
CA MET A 115 -4.68 -3.33 -12.87
C MET A 115 -5.05 -2.24 -11.87
N MET A 116 -4.13 -1.84 -10.98
CA MET A 116 -4.50 -0.81 -10.01
C MET A 116 -4.71 0.53 -10.69
N ALA A 117 -3.96 0.82 -11.76
CA ALA A 117 -4.18 2.07 -12.51
C ALA A 117 -5.55 2.08 -13.18
N TYR A 118 -6.03 0.90 -13.61
CA TYR A 118 -7.37 0.81 -14.20
C TYR A 118 -8.44 1.36 -13.25
N TYR A 119 -8.23 1.23 -11.94
CA TYR A 119 -9.17 1.68 -10.92
C TYR A 119 -8.74 2.98 -10.25
N LYS A 120 -7.80 3.70 -10.87
CA LYS A 120 -7.36 5.03 -10.46
C LYS A 120 -6.65 5.04 -9.09
N PHE A 121 -6.05 3.92 -8.69
CA PHE A 121 -5.12 4.00 -7.57
C PHE A 121 -3.94 4.90 -7.95
N ASN A 122 -3.36 5.58 -6.97
CA ASN A 122 -2.21 6.43 -7.29
C ASN A 122 -1.04 6.24 -6.34
N ARG A 123 -1.10 5.26 -5.43
CA ARG A 123 0.03 4.98 -4.54
C ARG A 123 0.31 3.49 -4.53
N LEU A 124 1.58 3.12 -4.73
CA LEU A 124 2.03 1.73 -4.60
C LEU A 124 3.09 1.67 -3.51
N HIS A 125 2.82 0.91 -2.46
CA HIS A 125 3.67 0.81 -1.29
C HIS A 125 4.34 -0.56 -1.33
N LEU A 126 5.67 -0.60 -1.17
CA LEU A 126 6.45 -1.83 -1.27
C LEU A 126 7.01 -2.18 0.09
N HIS A 127 6.55 -3.30 0.66
CA HIS A 127 7.07 -3.83 1.91
C HIS A 127 8.30 -4.64 1.55
N LEU A 128 9.46 -3.99 1.60
CA LEU A 128 10.68 -4.52 0.99
C LEU A 128 11.49 -5.44 1.91
N THR A 129 11.33 -5.34 3.22
CA THR A 129 12.16 -6.09 4.16
C THR A 129 11.31 -6.62 5.29
N ASP A 130 11.66 -7.79 5.80
CA ASP A 130 10.98 -8.36 6.96
C ASP A 130 11.78 -9.56 7.44
N ASN A 131 11.16 -10.36 8.31
CA ASN A 131 11.87 -11.52 8.86
C ASN A 131 12.18 -12.56 7.79
N GLN A 132 11.34 -12.67 6.76
CA GLN A 132 11.39 -13.77 5.81
C GLN A 132 12.21 -13.44 4.56
N GLY A 133 12.77 -12.24 4.47
CA GLY A 133 13.52 -11.88 3.28
C GLY A 133 13.80 -10.39 3.20
N TRP A 134 14.86 -10.03 2.48
CA TRP A 134 15.29 -8.65 2.30
C TRP A 134 15.43 -8.45 0.79
N ARG A 135 14.72 -7.46 0.22
CA ARG A 135 14.65 -7.35 -1.24
C ARG A 135 15.32 -6.10 -1.81
N LEU A 136 15.89 -5.23 -0.99
CA LEU A 136 16.49 -3.99 -1.48
C LEU A 136 18.00 -4.12 -1.57
N PRO A 137 18.64 -3.96 -2.73
CA PRO A 137 20.10 -4.03 -2.77
C PRO A 137 20.71 -2.75 -2.18
N VAL A 138 21.80 -2.93 -1.44
CA VAL A 138 22.49 -1.77 -0.85
C VAL A 138 23.98 -1.92 -1.13
N PRO A 139 24.56 -1.06 -1.95
CA PRO A 139 26.01 -1.14 -2.21
C PRO A 139 26.80 -1.15 -0.90
N GLY A 140 27.80 -2.05 -0.85
CA GLY A 140 28.64 -2.19 0.31
C GLY A 140 28.17 -3.22 1.31
N TYR A 141 27.00 -3.81 1.11
CA TYR A 141 26.44 -4.83 2.01
C TYR A 141 26.06 -6.06 1.19
N PRO A 142 27.06 -6.79 0.68
CA PRO A 142 26.75 -7.90 -0.25
C PRO A 142 26.02 -9.05 0.39
N LYS A 143 26.10 -9.21 1.71
CA LYS A 143 25.42 -10.34 2.33
C LYS A 143 23.91 -10.17 2.33
N LEU A 144 23.42 -8.94 2.12
CA LEU A 144 21.99 -8.78 1.89
C LEU A 144 21.55 -9.61 0.70
N LYS A 145 22.39 -9.68 -0.35
CA LYS A 145 22.04 -10.52 -1.48
C LYS A 145 22.34 -11.97 -1.16
N SER A 146 23.50 -12.25 -0.57
CA SER A 146 23.93 -13.65 -0.53
C SER A 146 23.23 -14.43 0.56
N VAL A 147 22.75 -13.74 1.61
CA VAL A 147 22.07 -14.39 2.73
C VAL A 147 20.64 -13.88 2.90
N ALA A 148 20.47 -12.56 3.07
CA ALA A 148 19.18 -12.06 3.53
C ALA A 148 18.06 -12.20 2.49
N SER A 149 18.41 -12.37 1.21
CA SER A 149 17.42 -12.45 0.13
C SER A 149 16.95 -13.87 -0.13
N ARG A 150 17.41 -14.85 0.66
CA ARG A 150 17.13 -16.26 0.42
C ARG A 150 16.64 -16.92 1.70
N ARG A 151 15.66 -17.80 1.58
CA ARG A 151 15.28 -18.65 2.70
C ARG A 151 15.11 -20.08 2.23
N GLU A 152 15.16 -21.01 3.19
CA GLU A 152 15.24 -22.43 2.84
C GLU A 152 13.90 -23.03 2.44
N GLU A 153 12.80 -22.47 2.94
CA GLU A 153 11.46 -23.00 2.67
C GLU A 153 10.46 -21.98 3.20
N SER A 154 9.18 -22.32 3.09
CA SER A 154 8.12 -21.54 3.71
C SER A 154 7.17 -22.50 4.41
N PHE A 155 7.03 -22.35 5.73
CA PHE A 155 6.08 -23.15 6.51
C PHE A 155 6.29 -24.64 6.28
N GLY A 156 7.55 -25.06 6.28
CA GLY A 156 7.87 -26.48 6.20
C GLY A 156 7.70 -27.12 4.85
N ASP A 157 7.60 -26.34 3.77
CA ASP A 157 7.29 -26.93 2.47
C ASP A 157 8.50 -27.44 1.71
N GLY A 158 9.70 -27.25 2.26
CA GLY A 158 10.92 -27.71 1.61
C GLY A 158 11.27 -27.05 0.31
N ILE A 159 10.67 -25.91 -0.01
CA ILE A 159 10.90 -25.23 -1.29
C ILE A 159 11.61 -23.90 -1.03
N PRO A 160 12.88 -23.77 -1.41
CA PRO A 160 13.59 -22.51 -1.17
C PRO A 160 12.93 -21.36 -1.90
N HIS A 161 13.02 -20.17 -1.30
CA HIS A 161 12.40 -18.99 -1.88
C HIS A 161 13.40 -17.85 -1.81
N GLU A 162 13.65 -17.20 -2.93
CA GLU A 162 14.66 -16.16 -2.93
C GLU A 162 14.30 -15.09 -3.95
N GLY A 163 14.96 -13.95 -3.80
CA GLY A 163 14.85 -12.90 -4.80
C GLY A 163 15.30 -11.56 -4.26
N MET A 164 15.85 -10.73 -5.14
CA MET A 164 16.19 -9.36 -4.77
C MET A 164 16.10 -8.51 -6.02
N TYR A 165 15.52 -7.32 -5.89
CA TYR A 165 15.43 -6.44 -7.04
C TYR A 165 16.80 -5.85 -7.36
N THR A 166 17.03 -5.54 -8.62
CA THR A 166 18.18 -4.70 -8.95
C THR A 166 17.78 -3.24 -8.86
N LYS A 167 18.79 -2.37 -8.71
CA LYS A 167 18.52 -0.95 -8.74
C LYS A 167 17.86 -0.55 -10.05
N GLN A 168 18.34 -1.11 -11.16
CA GLN A 168 17.77 -0.77 -12.45
C GLN A 168 16.30 -1.21 -12.54
N GLU A 169 15.96 -2.37 -11.96
CA GLU A 169 14.57 -2.82 -11.98
C GLU A 169 13.68 -1.87 -11.18
N LEU A 170 14.18 -1.39 -10.03
CA LEU A 170 13.38 -0.50 -9.21
C LEU A 170 13.20 0.86 -9.87
N LYS A 171 14.24 1.36 -10.56
CA LYS A 171 14.05 2.61 -11.32
C LYS A 171 13.11 2.40 -12.49
N GLU A 172 13.13 1.23 -13.12
CA GLU A 172 12.13 0.92 -14.15
C GLU A 172 10.73 0.97 -13.55
N LEU A 173 10.56 0.34 -12.38
CA LEU A 173 9.25 0.32 -11.74
C LEU A 173 8.77 1.74 -11.44
N VAL A 174 9.66 2.57 -10.92
CA VAL A 174 9.29 3.96 -10.61
C VAL A 174 8.80 4.67 -11.87
N ALA A 175 9.53 4.53 -12.98
CA ALA A 175 9.12 5.21 -14.21
C ALA A 175 7.81 4.63 -14.76
N TYR A 176 7.65 3.31 -14.70
CA TYR A 176 6.44 2.64 -15.16
C TYR A 176 5.22 3.16 -14.39
N CYS A 177 5.36 3.21 -13.07
CA CYS A 177 4.29 3.74 -12.23
C CYS A 177 4.02 5.20 -12.54
N ALA A 178 5.08 6.01 -12.69
CA ALA A 178 4.88 7.44 -12.92
C ALA A 178 4.09 7.69 -14.18
N ALA A 179 4.37 6.91 -15.22
CA ALA A 179 3.63 7.02 -16.48
C ALA A 179 2.17 6.67 -16.29
N ARG A 180 1.85 5.88 -15.26
CA ARG A 180 0.46 5.53 -14.97
C ARG A 180 -0.13 6.28 -13.77
N GLY A 181 0.46 7.41 -13.37
CA GLY A 181 -0.07 8.25 -12.31
C GLY A 181 0.15 7.74 -10.90
N ILE A 182 1.11 6.86 -10.69
CA ILE A 182 1.29 6.19 -9.40
C ILE A 182 2.66 6.57 -8.84
N ASP A 183 2.68 7.04 -7.58
CA ASP A 183 3.93 7.20 -6.84
C ASP A 183 4.25 5.94 -6.04
N VAL A 184 5.54 5.66 -5.85
CA VAL A 184 6.00 4.44 -5.18
C VAL A 184 6.64 4.80 -3.84
N ILE A 185 6.22 4.08 -2.79
CA ILE A 185 6.62 4.33 -1.39
C ILE A 185 7.34 3.09 -0.86
N PRO A 186 8.63 3.16 -0.54
CA PRO A 186 9.32 2.02 0.05
C PRO A 186 9.10 1.95 1.56
N GLU A 187 9.08 0.72 2.08
CA GLU A 187 9.02 0.49 3.52
C GLU A 187 10.21 -0.35 3.93
N ILE A 188 10.99 0.14 4.89
CA ILE A 188 12.10 -0.58 5.49
C ILE A 188 11.80 -0.61 6.98
N ASP A 189 11.38 -1.77 7.50
CA ASP A 189 11.01 -1.84 8.91
C ASP A 189 12.23 -1.81 9.81
N MET A 190 12.11 -1.07 10.91
CA MET A 190 13.18 -0.96 11.89
CA MET A 190 13.18 -0.97 11.90
C MET A 190 12.56 -0.49 13.20
N PRO A 191 13.14 -0.87 14.35
CA PRO A 191 14.36 -1.66 14.50
C PRO A 191 14.12 -3.17 14.44
N GLY A 192 12.85 -3.60 14.41
CA GLY A 192 12.49 -5.01 14.37
C GLY A 192 12.16 -5.49 12.96
N HIS A 193 11.41 -6.59 12.88
CA HIS A 193 11.13 -7.25 11.60
C HIS A 193 12.43 -7.54 10.86
N ASN A 194 13.46 -7.94 11.59
CA ASN A 194 14.83 -7.93 11.07
C ASN A 194 15.53 -9.27 11.18
N GLN A 195 14.78 -10.38 11.19
CA GLN A 195 15.47 -11.66 11.26
C GLN A 195 16.36 -11.88 10.04
N ALA A 196 15.92 -11.43 8.86
CA ALA A 196 16.74 -11.62 7.66
C ALA A 196 18.01 -10.80 7.73
N LEU A 197 17.90 -9.55 8.19
CA LEU A 197 19.09 -8.72 8.39
C LEU A 197 20.05 -9.37 9.39
N HIS A 198 19.50 -9.95 10.46
CA HIS A 198 20.36 -10.61 11.45
C HIS A 198 21.08 -11.81 10.84
N ALA A 199 20.37 -12.57 9.99
CA ALA A 199 21.01 -13.69 9.31
C ALA A 199 22.22 -13.21 8.50
N ALA A 200 22.10 -12.04 7.86
CA ALA A 200 23.22 -11.54 7.08
C ALA A 200 24.29 -10.82 7.91
N TYR A 201 23.87 -9.98 8.87
CA TYR A 201 24.77 -9.10 9.62
C TYR A 201 24.48 -9.19 11.11
N PRO A 202 24.85 -10.31 11.74
CA PRO A 202 24.55 -10.46 13.17
C PRO A 202 25.21 -9.40 14.02
N GLU A 203 26.31 -8.81 13.56
CA GLU A 203 27.02 -7.79 14.32
C GLU A 203 26.21 -6.50 14.49
N PHE A 204 25.09 -6.33 13.79
CA PHE A 204 24.22 -5.18 13.96
C PHE A 204 23.32 -5.28 15.20
N PHE A 205 23.33 -6.42 15.90
CA PHE A 205 22.30 -6.72 16.89
C PHE A 205 22.91 -6.85 18.29
N CYS A 206 22.06 -6.65 19.31
CA CYS A 206 22.53 -6.68 20.69
C CYS A 206 23.18 -8.01 21.02
N PHE A 207 22.58 -9.11 20.56
CA PHE A 207 23.08 -10.46 20.82
C PHE A 207 23.29 -11.16 19.49
N PRO A 208 24.44 -10.96 18.86
CA PRO A 208 24.71 -11.59 17.55
C PRO A 208 24.63 -13.10 17.65
N LYS A 209 23.97 -13.70 16.66
CA LYS A 209 23.82 -15.15 16.58
C LYS A 209 24.24 -15.58 15.18
N PRO A 210 25.46 -16.06 15.00
CA PRO A 210 25.91 -16.44 13.65
C PRO A 210 25.11 -17.57 13.04
N ASP A 211 24.42 -18.39 13.83
CA ASP A 211 23.61 -19.48 13.29
CA ASP A 211 23.63 -19.48 13.27
C ASP A 211 22.22 -19.04 12.89
N MET A 212 21.90 -17.75 13.02
CA MET A 212 20.58 -17.26 12.67
C MET A 212 20.32 -17.44 11.18
N ASN A 213 19.12 -17.90 10.84
CA ASN A 213 18.74 -18.02 9.44
C ASN A 213 17.54 -17.14 9.13
N VAL A 214 17.34 -16.89 7.84
CA VAL A 214 16.16 -16.14 7.42
C VAL A 214 14.92 -16.91 7.82
N ARG A 215 13.91 -16.20 8.33
CA ARG A 215 12.75 -16.85 8.93
C ARG A 215 11.90 -17.53 7.86
N THR A 216 11.36 -18.70 8.19
CA THR A 216 10.52 -19.45 7.26
C THR A 216 9.08 -19.58 7.75
N THR A 217 8.75 -18.95 8.87
CA THR A 217 7.41 -18.97 9.45
C THR A 217 7.01 -17.55 9.79
N ALA A 218 5.74 -17.39 10.19
CA ALA A 218 5.30 -16.08 10.65
C ALA A 218 5.65 -15.93 12.13
N GLY A 219 5.04 -14.97 12.81
CA GLY A 219 5.35 -14.74 14.21
C GLY A 219 6.26 -13.54 14.39
N ASN A 220 6.48 -13.20 15.65
CA ASN A 220 7.23 -12.00 15.98
C ASN A 220 8.67 -12.38 16.32
N SER A 221 9.59 -11.53 15.88
CA SER A 221 11.00 -11.69 16.19
C SER A 221 11.38 -10.67 17.24
N LYS A 222 12.17 -11.09 18.23
CA LYS A 222 12.72 -10.18 19.22
C LYS A 222 14.00 -9.52 18.77
N GLU A 223 14.50 -9.83 17.58
CA GLU A 223 15.82 -9.37 17.15
C GLU A 223 15.74 -7.93 16.67
N LEU A 224 16.20 -6.99 17.51
CA LEU A 224 16.23 -5.57 17.17
C LEU A 224 17.67 -5.14 16.93
N VAL A 225 17.89 -4.25 15.94
CA VAL A 225 19.23 -3.69 15.79
C VAL A 225 19.60 -2.94 17.07
N CYS A 226 20.90 -2.94 17.38
CA CYS A 226 21.38 -2.29 18.60
C CYS A 226 21.71 -0.84 18.28
N PRO A 227 20.98 0.14 18.83
CA PRO A 227 21.21 1.55 18.49
C PRO A 227 22.56 2.07 18.98
N GLN A 228 23.27 1.32 19.82
CA GLN A 228 24.58 1.75 20.27
C GLN A 228 25.69 1.44 19.30
N LYS A 229 25.42 0.72 18.22
CA LYS A 229 26.49 0.24 17.36
CA LYS A 229 26.49 0.23 17.35
C LYS A 229 26.62 1.14 16.14
N PRO A 230 27.80 1.71 15.90
CA PRO A 230 27.95 2.66 14.78
C PRO A 230 27.67 2.06 13.43
N GLU A 231 27.97 0.76 13.26
CA GLU A 231 27.69 0.09 12.00
C GLU A 231 26.20 0.15 11.64
N VAL A 232 25.31 0.16 12.65
CA VAL A 232 23.87 0.26 12.39
C VAL A 232 23.53 1.58 11.72
N TRP A 233 24.04 2.69 12.26
CA TRP A 233 23.69 3.99 11.69
C TRP A 233 24.36 4.22 10.35
N LYS A 234 25.56 3.66 10.15
CA LYS A 234 26.16 3.70 8.82
CA LYS A 234 26.16 3.70 8.81
C LYS A 234 25.33 2.90 7.81
N PHE A 235 24.88 1.72 8.22
CA PHE A 235 24.02 0.91 7.36
C PHE A 235 22.75 1.66 6.99
N TYR A 236 22.04 2.21 7.98
CA TYR A 236 20.78 2.83 7.63
C TYR A 236 20.98 4.12 6.83
N ALA A 237 22.07 4.85 7.07
CA ALA A 237 22.39 5.97 6.18
C ALA A 237 22.55 5.49 4.73
N SER A 238 23.24 4.36 4.54
CA SER A 238 23.40 3.80 3.20
C SER A 238 22.06 3.40 2.60
N VAL A 239 21.21 2.76 3.41
CA VAL A 239 19.87 2.38 2.95
C VAL A 239 19.11 3.61 2.46
N PHE A 240 19.08 4.64 3.30
CA PHE A 240 18.28 5.82 2.98
C PHE A 240 18.83 6.55 1.77
N ASN A 241 20.15 6.50 1.56
CA ASN A 241 20.72 7.12 0.36
C ASN A 241 20.33 6.34 -0.89
N GLU A 242 20.29 5.01 -0.81
CA GLU A 242 19.78 4.23 -1.96
C GLU A 242 18.32 4.58 -2.24
N LEU A 243 17.51 4.70 -1.18
CA LEU A 243 16.11 5.05 -1.40
C LEU A 243 15.96 6.43 -2.01
N LYS A 244 16.80 7.38 -1.59
CA LYS A 244 16.79 8.71 -2.19
C LYS A 244 17.11 8.64 -3.68
N ASP A 245 18.08 7.80 -4.06
CA ASP A 245 18.43 7.67 -5.48
C ASP A 245 17.30 7.04 -6.29
N ILE A 246 16.61 6.05 -5.72
CA ILE A 246 15.67 5.23 -6.49
C ILE A 246 14.25 5.81 -6.49
N PHE A 247 13.78 6.28 -5.33
CA PHE A 247 12.37 6.57 -5.11
C PHE A 247 12.17 8.08 -4.96
N PRO A 248 11.73 8.78 -6.01
CA PRO A 248 11.60 10.25 -5.93
C PRO A 248 10.49 10.73 -5.01
N SER A 249 9.60 9.85 -4.55
CA SER A 249 8.57 10.28 -3.60
C SER A 249 9.19 10.91 -2.34
N GLY A 250 10.39 10.47 -1.98
CA GLY A 250 11.03 10.97 -0.77
C GLY A 250 10.40 10.51 0.52
N ILE A 251 9.39 9.64 0.46
CA ILE A 251 8.71 9.11 1.64
C ILE A 251 9.33 7.77 1.97
N VAL A 252 9.63 7.55 3.25
CA VAL A 252 10.16 6.27 3.71
C VAL A 252 9.28 5.78 4.86
N HIS A 253 8.59 4.67 4.64
CA HIS A 253 7.81 4.02 5.68
C HIS A 253 8.76 3.22 6.58
N LEU A 254 8.76 3.50 7.89
CA LEU A 254 9.69 2.84 8.80
C LEU A 254 9.07 1.69 9.57
N GLY A 255 7.80 1.38 9.34
CA GLY A 255 7.12 0.37 10.14
C GLY A 255 6.57 1.00 11.40
N GLY A 256 7.28 0.81 12.52
CA GLY A 256 6.94 1.50 13.74
C GLY A 256 5.92 0.79 14.61
N ASP A 257 5.38 -0.34 14.18
CA ASP A 257 4.49 -1.12 15.03
C ASP A 257 5.25 -1.63 16.25
N GLU A 258 4.50 -1.89 17.33
CA GLU A 258 5.12 -2.27 18.59
CA GLU A 258 5.11 -2.29 18.59
C GLU A 258 6.02 -3.50 18.42
N ALA A 259 7.27 -3.36 18.88
CA ALA A 259 8.32 -4.36 18.82
C ALA A 259 8.63 -4.90 20.22
N PRO A 260 8.94 -6.18 20.36
CA PRO A 260 9.37 -6.69 21.67
C PRO A 260 10.74 -6.11 22.02
N THR A 261 10.88 -5.57 23.23
CA THR A 261 12.13 -4.92 23.59
C THR A 261 12.95 -5.70 24.61
N GLU A 262 12.61 -6.97 24.87
CA GLU A 262 13.36 -7.77 25.85
C GLU A 262 14.87 -7.73 25.60
N LEU A 263 15.29 -7.81 24.34
CA LEU A 263 16.73 -7.90 24.10
C LEU A 263 17.41 -6.55 24.32
N TRP A 264 16.73 -5.43 24.00
CA TRP A 264 17.27 -4.14 24.39
C TRP A 264 17.40 -4.03 25.91
N GLU A 265 16.41 -4.57 26.64
CA GLU A 265 16.48 -4.50 28.09
C GLU A 265 17.72 -5.20 28.62
N LYS A 266 18.03 -6.37 28.04
CA LYS A 266 19.18 -7.18 28.48
C LYS A 266 20.52 -6.72 27.94
N CYS A 267 20.56 -6.01 26.82
CA CYS A 267 21.83 -5.64 26.18
C CYS A 267 22.74 -4.84 27.10
N PRO A 268 23.99 -5.27 27.32
CA PRO A 268 24.88 -4.48 28.21
C PRO A 268 25.19 -3.09 27.66
N LEU A 269 25.27 -2.94 26.32
CA LEU A 269 25.48 -1.63 25.72
C LEU A 269 24.25 -0.76 25.91
N CYS A 270 23.06 -1.28 25.59
CA CYS A 270 21.86 -0.48 25.74
C CYS A 270 21.59 -0.14 27.20
N ARG A 271 21.87 -1.07 28.12
CA ARG A 271 21.66 -0.78 29.54
C ARG A 271 22.45 0.45 29.95
N GLU A 272 23.75 0.47 29.60
CA GLU A 272 24.51 1.63 30.04
C GLU A 272 24.13 2.88 29.26
N ALA A 273 23.74 2.76 27.99
CA ALA A 273 23.27 3.93 27.26
C ALA A 273 22.03 4.54 27.90
N ARG A 274 21.07 3.71 28.31
CA ARG A 274 19.88 4.23 28.97
C ARG A 274 20.23 4.91 30.28
N THR A 275 21.18 4.32 31.03
CA THR A 275 21.61 4.96 32.27
C THR A 275 22.24 6.32 32.02
N ARG A 276 23.12 6.42 31.01
CA ARG A 276 23.75 7.70 30.69
CA ARG A 276 23.74 7.71 30.71
C ARG A 276 22.72 8.75 30.28
N ALA A 277 21.67 8.33 29.59
CA ALA A 277 20.67 9.25 29.08
C ALA A 277 19.51 9.45 30.06
N ALA A 278 19.59 8.85 31.24
CA ALA A 278 18.50 8.89 32.22
C ALA A 278 17.18 8.43 31.60
N MET A 279 17.25 7.43 30.73
CA MET A 279 16.05 6.85 30.15
C MET A 279 15.46 5.84 31.11
N LYS A 280 14.16 5.94 31.32
CA LYS A 280 13.52 5.11 32.32
C LYS A 280 13.33 3.67 31.85
N ASP A 281 13.14 3.46 30.56
CA ASP A 281 12.77 2.14 30.07
C ASP A 281 13.05 2.08 28.58
N GLU A 282 12.68 0.94 27.98
CA GLU A 282 12.96 0.71 26.57
C GLU A 282 12.03 1.49 25.65
N GLN A 283 10.89 1.97 26.14
CA GLN A 283 10.06 2.84 25.30
C GLN A 283 10.71 4.20 25.10
N GLU A 284 11.37 4.74 26.13
CA GLU A 284 12.14 5.96 25.93
CA GLU A 284 12.16 5.96 25.94
C GLU A 284 13.28 5.72 24.94
N GLN A 285 13.90 4.54 24.99
CA GLN A 285 14.94 4.21 24.03
C GLN A 285 14.37 4.14 22.61
N MET A 286 13.18 3.57 22.46
CA MET A 286 12.54 3.52 21.15
C MET A 286 12.22 4.92 20.61
N LYS A 287 11.71 5.80 21.47
CA LYS A 287 11.50 7.19 21.06
CA LYS A 287 11.51 7.18 21.05
C LYS A 287 12.80 7.82 20.56
N ALA A 288 13.91 7.59 21.28
CA ALA A 288 15.18 8.14 20.84
C ALA A 288 15.65 7.54 19.52
N PHE A 289 15.44 6.23 19.34
CA PHE A 289 15.81 5.57 18.10
C PHE A 289 15.10 6.23 16.92
N PHE A 290 13.80 6.46 17.06
CA PHE A 290 13.06 7.03 15.93
C PHE A 290 13.35 8.51 15.73
N ALA A 291 13.69 9.23 16.79
CA ALA A 291 14.13 10.61 16.60
C ALA A 291 15.43 10.66 15.80
N LYS A 292 16.36 9.76 16.12
CA LYS A 292 17.61 9.72 15.36
C LYS A 292 17.37 9.35 13.91
N THR A 293 16.51 8.35 13.67
CA THR A 293 16.23 7.96 12.30
CA THR A 293 16.23 7.96 12.29
C THR A 293 15.54 9.09 11.53
N ALA A 294 14.59 9.77 12.18
CA ALA A 294 13.90 10.87 11.53
C ALA A 294 14.86 11.99 11.18
N ALA A 295 15.85 12.25 12.05
CA ALA A 295 16.86 13.25 11.73
C ALA A 295 17.71 12.84 10.53
N LEU A 296 18.06 11.56 10.42
CA LEU A 296 18.80 11.09 9.24
CA LEU A 296 18.80 11.09 9.24
C LEU A 296 17.99 11.31 7.96
N LEU A 297 16.71 10.91 8.00
CA LEU A 297 15.84 11.13 6.85
C LEU A 297 15.75 12.61 6.50
N ALA A 298 15.59 13.47 7.51
CA ALA A 298 15.44 14.90 7.25
C ALA A 298 16.69 15.48 6.59
N LYS A 299 17.87 15.08 7.07
CA LYS A 299 19.10 15.48 6.42
C LYS A 299 19.09 15.08 4.95
N ASN A 300 18.38 14.01 4.61
CA ASN A 300 18.28 13.61 3.22
C ASN A 300 17.11 14.25 2.45
N GLY A 301 16.30 15.10 3.07
CA GLY A 301 15.09 15.55 2.42
C GLY A 301 14.00 14.50 2.30
N GLN A 302 14.04 13.48 3.15
CA GLN A 302 13.03 12.43 3.17
C GLN A 302 12.12 12.61 4.38
N THR A 303 10.94 11.98 4.32
CA THR A 303 10.01 12.07 5.42
C THR A 303 9.50 10.69 5.81
N PRO A 304 9.33 10.41 7.10
CA PRO A 304 8.92 9.07 7.54
C PRO A 304 7.41 8.90 7.57
N GLN A 305 6.99 7.64 7.44
CA GLN A 305 5.62 7.23 7.70
C GLN A 305 5.62 6.06 8.67
N PHE A 306 4.48 5.87 9.36
CA PHE A 306 4.42 4.81 10.38
C PHE A 306 3.09 4.10 10.41
N TRP A 307 3.10 2.83 10.82
CA TRP A 307 1.86 2.19 11.26
C TRP A 307 1.53 2.78 12.63
N TYR A 308 0.34 3.38 12.77
CA TYR A 308 0.05 4.15 13.98
C TYR A 308 -0.01 3.26 15.21
N GLU A 309 0.62 3.74 16.28
CA GLU A 309 0.47 3.16 17.62
C GLU A 309 0.06 4.30 18.55
N GLY A 310 -1.17 4.24 19.06
CA GLY A 310 -1.74 5.39 19.75
C GLY A 310 -0.88 5.92 20.88
N ASN A 311 -0.25 5.01 21.63
CA ASN A 311 0.56 5.39 22.78
C ASN A 311 2.07 5.26 22.49
N ALA A 312 2.47 5.49 21.24
CA ALA A 312 3.88 5.34 20.90
C ALA A 312 4.70 6.55 21.35
N GLY A 313 4.31 7.74 20.94
CA GLY A 313 5.05 8.95 21.29
C GLY A 313 6.24 9.26 20.40
N ILE A 314 6.35 8.60 19.25
CA ILE A 314 7.54 8.72 18.41
C ILE A 314 7.30 9.70 17.26
N TYR A 315 6.12 10.33 17.25
CA TYR A 315 5.70 11.14 16.11
C TYR A 315 5.91 12.62 16.40
N HIS A 316 6.29 13.34 15.37
CA HIS A 316 6.35 14.79 15.35
C HIS A 316 5.20 15.31 14.51
N PRO A 317 4.61 16.45 14.89
CA PRO A 317 3.51 17.01 14.09
C PRO A 317 3.90 17.16 12.63
N GLY A 318 2.92 16.93 11.75
CA GLY A 318 3.15 16.95 10.33
C GLY A 318 3.45 15.58 9.71
N GLU A 319 3.86 14.60 10.51
CA GLU A 319 4.14 13.29 9.95
C GLU A 319 2.83 12.59 9.59
N THR A 320 2.96 11.50 8.82
CA THR A 320 1.80 10.73 8.37
C THR A 320 1.85 9.32 8.97
N VAL A 321 0.69 8.89 9.50
CA VAL A 321 0.57 7.58 10.10
C VAL A 321 -0.62 6.87 9.48
N TYR A 322 -0.59 5.53 9.57
CA TYR A 322 -1.65 4.67 9.04
C TYR A 322 -2.47 4.08 10.17
N ALA A 323 -3.78 4.23 10.09
CA ALA A 323 -4.69 3.62 11.07
C ALA A 323 -4.98 2.19 10.61
N TRP A 324 -4.71 1.21 11.48
CA TRP A 324 -4.84 -0.18 11.04
C TRP A 324 -5.52 -1.11 12.05
N ARG A 325 -5.49 -0.84 13.36
CA ARG A 325 -6.06 -1.74 14.34
C ARG A 325 -7.59 -1.77 14.28
N GLN A 326 -8.16 -2.97 14.34
CA GLN A 326 -9.61 -3.10 14.34
C GLN A 326 -10.20 -2.43 15.57
N GLY A 327 -11.31 -1.72 15.37
CA GLY A 327 -11.99 -1.02 16.44
C GLY A 327 -11.38 0.31 16.83
N GLN A 328 -10.29 0.74 16.19
CA GLN A 328 -9.59 1.95 16.58
C GLN A 328 -9.69 3.08 15.56
N ALA A 329 -10.51 2.92 14.52
CA ALA A 329 -10.51 3.90 13.44
C ALA A 329 -10.93 5.27 13.93
N LEU A 330 -12.09 5.36 14.56
CA LEU A 330 -12.59 6.66 15.01
C LEU A 330 -11.66 7.27 16.07
N GLN A 331 -11.18 6.45 17.00
CA GLN A 331 -10.25 6.95 18.01
C GLN A 331 -9.00 7.50 17.36
N SER A 332 -8.49 6.81 16.32
CA SER A 332 -7.28 7.28 15.66
C SER A 332 -7.52 8.58 14.92
N ILE A 333 -8.70 8.73 14.32
CA ILE A 333 -9.03 9.99 13.66
C ILE A 333 -8.96 11.15 14.67
N GLU A 334 -9.57 10.95 15.85
CA GLU A 334 -9.55 12.03 16.84
CA GLU A 334 -9.56 12.01 16.87
C GLU A 334 -8.14 12.28 17.37
N LYS A 335 -7.40 11.21 17.67
CA LYS A 335 -6.08 11.35 18.26
C LYS A 335 -5.10 12.01 17.31
N THR A 336 -5.11 11.62 16.03
CA THR A 336 -4.23 12.26 15.08
C THR A 336 -4.59 13.71 14.86
N LYS A 337 -5.90 14.04 14.86
CA LYS A 337 -6.29 15.44 14.75
CA LYS A 337 -6.29 15.44 14.75
C LYS A 337 -5.69 16.24 15.89
N LYS A 338 -5.87 15.77 17.13
CA LYS A 338 -5.29 16.48 18.27
C LYS A 338 -3.76 16.56 18.18
N ALA A 339 -3.12 15.53 17.66
CA ALA A 339 -1.65 15.48 17.59
C ALA A 339 -1.07 16.20 16.38
N GLY A 340 -1.90 16.76 15.50
CA GLY A 340 -1.37 17.41 14.31
C GLY A 340 -0.76 16.45 13.31
N LEU A 341 -1.19 15.20 13.30
CA LEU A 341 -0.72 14.19 12.37
C LEU A 341 -1.68 14.06 11.20
N ASN A 342 -1.15 13.67 10.05
CA ASN A 342 -1.99 13.28 8.93
C ASN A 342 -2.21 11.77 8.98
N LEU A 343 -3.36 11.34 8.50
CA LEU A 343 -3.81 9.97 8.70
C LEU A 343 -4.23 9.34 7.39
N ILE A 344 -3.75 8.11 7.16
CA ILE A 344 -4.21 7.28 6.05
C ILE A 344 -4.96 6.10 6.65
N MET A 345 -6.16 5.84 6.13
CA MET A 345 -7.00 4.77 6.68
CA MET A 345 -7.01 4.78 6.67
C MET A 345 -6.62 3.44 6.04
N ALA A 346 -6.13 2.51 6.87
CA ALA A 346 -5.80 1.16 6.41
C ALA A 346 -6.43 0.15 7.36
N SER A 347 -7.61 0.45 7.89
CA SER A 347 -8.17 -0.35 8.96
C SER A 347 -8.29 -1.80 8.55
N SER A 348 -7.75 -2.70 9.38
CA SER A 348 -7.71 -4.11 9.01
C SER A 348 -9.09 -4.72 8.96
N GLU A 349 -10.10 -4.07 9.56
CA GLU A 349 -11.47 -4.54 9.45
C GLU A 349 -11.98 -4.48 8.02
N TYR A 350 -11.42 -3.61 7.19
CA TYR A 350 -11.91 -3.39 5.84
C TYR A 350 -10.82 -3.54 4.77
N CYS A 351 -9.56 -3.28 5.14
CA CYS A 351 -8.52 -3.03 4.15
C CYS A 351 -7.42 -4.08 4.11
N TYR A 352 -7.39 -5.03 5.05
CA TYR A 352 -6.33 -6.03 5.04
C TYR A 352 -6.77 -7.13 4.09
N LEU A 353 -6.27 -7.09 2.86
CA LEU A 353 -6.74 -8.01 1.84
C LEU A 353 -6.03 -9.37 1.89
N ASP A 354 -5.12 -9.59 2.84
CA ASP A 354 -4.65 -10.96 3.04
C ASP A 354 -5.73 -11.85 3.66
N PHE A 355 -6.73 -11.25 4.31
CA PHE A 355 -7.79 -12.05 4.95
C PHE A 355 -8.69 -12.70 3.89
N PRO A 356 -9.28 -13.86 4.20
CA PRO A 356 -10.14 -14.53 3.22
C PRO A 356 -11.38 -13.68 2.92
N GLN A 357 -11.87 -13.78 1.69
CA GLN A 357 -13.00 -12.96 1.30
C GLN A 357 -14.32 -13.70 1.32
N ILE A 358 -14.31 -15.01 1.47
CA ILE A 358 -15.53 -15.81 1.58
C ILE A 358 -15.36 -16.74 2.76
N GLN A 359 -16.37 -16.80 3.64
CA GLN A 359 -16.28 -17.62 4.84
C GLN A 359 -15.93 -19.05 4.47
N GLY A 360 -14.94 -19.61 5.16
CA GLY A 360 -14.47 -20.95 4.88
C GLY A 360 -13.20 -21.04 4.06
N GLN A 361 -12.83 -19.98 3.36
CA GLN A 361 -11.54 -20.00 2.67
C GLN A 361 -10.41 -19.90 3.70
N ARG A 362 -9.21 -20.35 3.29
CA ARG A 362 -8.12 -20.52 4.25
C ARG A 362 -7.93 -19.27 5.10
N ASN A 363 -7.98 -19.44 6.42
CA ASN A 363 -7.71 -18.34 7.33
C ASN A 363 -6.48 -18.59 8.18
N TRP A 364 -5.77 -19.70 7.94
CA TRP A 364 -4.49 -19.99 8.55
C TRP A 364 -4.57 -20.00 10.06
N GLY A 365 -5.75 -20.34 10.59
CA GLY A 365 -5.97 -20.45 12.00
C GLY A 365 -6.18 -19.16 12.76
N TRP A 366 -6.27 -18.01 12.09
CA TRP A 366 -6.40 -16.78 12.84
C TRP A 366 -7.14 -15.63 12.14
N MET A 367 -7.21 -15.65 10.81
CA MET A 367 -7.77 -14.52 10.07
C MET A 367 -9.29 -14.48 10.11
N LYS A 368 -9.84 -13.28 10.33
CA LYS A 368 -11.27 -13.08 10.13
C LYS A 368 -11.59 -13.01 8.65
N THR A 369 -12.88 -13.08 8.33
CA THR A 369 -13.36 -13.00 6.96
C THR A 369 -13.74 -11.55 6.67
N THR A 370 -13.31 -11.04 5.52
CA THR A 370 -13.71 -9.70 5.05
C THR A 370 -14.32 -9.88 3.66
N THR A 371 -15.66 -9.87 3.60
CA THR A 371 -16.32 -10.04 2.32
C THR A 371 -16.23 -8.75 1.51
N LEU A 372 -16.54 -8.86 0.22
CA LEU A 372 -16.65 -7.68 -0.63
C LEU A 372 -17.65 -6.67 -0.09
N GLN A 373 -18.80 -7.14 0.38
CA GLN A 373 -19.81 -6.22 0.89
C GLN A 373 -19.34 -5.50 2.15
N LYS A 374 -18.66 -6.24 3.04
CA LYS A 374 -18.05 -5.61 4.21
C LYS A 374 -17.03 -4.56 3.79
N CYS A 375 -16.14 -4.93 2.87
CA CYS A 375 -15.16 -3.99 2.37
CA CYS A 375 -15.15 -3.99 2.34
C CYS A 375 -15.82 -2.72 1.84
N TYR A 376 -16.89 -2.87 1.05
CA TYR A 376 -17.56 -1.72 0.49
C TYR A 376 -18.22 -0.85 1.55
N ASP A 377 -18.49 -1.39 2.74
CA ASP A 377 -19.00 -0.54 3.83
C ASP A 377 -18.04 0.56 4.25
N LEU A 378 -16.76 0.51 3.85
CA LEU A 378 -15.78 1.46 4.33
C LEU A 378 -16.08 2.89 3.88
N ASP A 379 -16.22 3.80 4.85
CA ASP A 379 -16.12 5.24 4.64
C ASP A 379 -14.84 5.67 5.34
N PRO A 380 -13.81 6.12 4.61
CA PRO A 380 -12.52 6.40 5.27
C PRO A 380 -12.61 7.37 6.42
N ALA A 381 -13.57 8.30 6.38
CA ALA A 381 -13.77 9.26 7.46
C ALA A 381 -14.69 8.75 8.56
N PHE A 382 -15.24 7.55 8.42
CA PHE A 382 -16.11 6.94 9.43
C PHE A 382 -17.19 7.90 9.89
N GLY A 383 -17.84 8.54 8.91
CA GLY A 383 -18.97 9.40 9.19
C GLY A 383 -18.64 10.85 9.51
N LYS A 384 -17.38 11.19 9.65
CA LYS A 384 -17.04 12.57 9.98
C LYS A 384 -16.99 13.45 8.73
N PRO A 385 -17.38 14.73 8.86
CA PRO A 385 -17.41 15.61 7.69
C PRO A 385 -16.03 16.16 7.35
N GLU A 386 -15.91 16.61 6.10
CA GLU A 386 -14.62 17.09 5.59
C GLU A 386 -14.01 18.15 6.50
N LYS A 387 -14.83 19.03 7.09
CA LYS A 387 -14.29 20.09 7.94
C LYS A 387 -13.75 19.58 9.26
N GLU A 388 -14.18 18.40 9.72
CA GLU A 388 -13.69 17.83 10.97
C GLU A 388 -12.61 16.79 10.76
N ALA A 389 -12.49 16.22 9.57
CA ALA A 389 -11.55 15.12 9.30
C ALA A 389 -10.69 15.43 8.09
N GLY A 390 -10.34 16.71 7.90
CA GLY A 390 -9.51 17.11 6.78
C GLY A 390 -8.09 16.58 6.80
N HIS A 391 -7.64 16.05 7.93
CA HIS A 391 -6.30 15.50 8.03
C HIS A 391 -6.22 14.07 7.51
N ILE A 392 -7.35 13.48 7.14
CA ILE A 392 -7.36 12.15 6.51
C ILE A 392 -6.97 12.31 5.04
N ARG A 393 -5.87 11.67 4.65
CA ARG A 393 -5.34 11.80 3.30
C ARG A 393 -5.93 10.79 2.34
N GLY A 394 -6.47 9.70 2.84
CA GLY A 394 -7.07 8.74 1.92
C GLY A 394 -7.09 7.33 2.51
N VAL A 395 -6.96 6.36 1.61
CA VAL A 395 -7.19 4.95 1.92
CA VAL A 395 -7.18 4.96 1.95
C VAL A 395 -6.04 4.13 1.39
N HIS A 396 -5.79 3.00 2.02
CA HIS A 396 -4.63 2.19 1.69
C HIS A 396 -4.94 0.74 2.05
N ALA A 397 -4.75 -0.18 1.10
CA ALA A 397 -5.08 -1.59 1.38
C ALA A 397 -3.83 -2.45 1.25
N PRO A 398 -3.33 -3.00 2.36
CA PRO A 398 -2.19 -3.92 2.29
C PRO A 398 -2.60 -5.33 1.88
N VAL A 399 -1.82 -5.91 0.98
CA VAL A 399 -2.01 -7.31 0.59
C VAL A 399 -0.83 -8.11 1.15
N TRP A 400 -0.83 -8.31 2.47
CA TRP A 400 0.26 -9.03 3.12
C TRP A 400 0.40 -10.42 2.52
N ALA A 401 1.64 -10.86 2.33
CA ALA A 401 1.91 -12.03 1.48
C ALA A 401 2.56 -13.19 2.21
N GLU A 402 2.46 -13.27 3.55
CA GLU A 402 2.95 -14.47 4.25
C GLU A 402 2.47 -15.73 3.54
N ARG A 403 1.20 -15.72 3.13
CA ARG A 403 0.52 -16.90 2.61
C ARG A 403 0.05 -16.70 1.17
N LEU A 404 0.72 -15.85 0.40
CA LEU A 404 0.34 -15.59 -0.98
C LEU A 404 1.58 -15.78 -1.84
N PRO A 405 1.81 -17.00 -2.35
CA PRO A 405 3.13 -17.34 -2.90
C PRO A 405 3.38 -16.86 -4.32
N ASP A 406 2.38 -16.43 -5.09
CA ASP A 406 2.62 -15.97 -6.45
C ASP A 406 1.54 -14.97 -6.85
N LEU A 407 1.68 -14.42 -8.06
CA LEU A 407 0.74 -13.39 -8.53
C LEU A 407 -0.68 -13.92 -8.61
N ASN A 408 -0.85 -15.17 -9.06
CA ASN A 408 -2.20 -15.74 -9.14
C ASN A 408 -2.90 -15.70 -7.78
N HIS A 409 -2.20 -16.13 -6.72
CA HIS A 409 -2.77 -16.07 -5.37
C HIS A 409 -2.96 -14.63 -4.90
N LEU A 410 -1.97 -13.79 -5.19
CA LEU A 410 -2.02 -12.38 -4.81
C LEU A 410 -3.26 -11.70 -5.38
N LEU A 411 -3.47 -11.84 -6.69
CA LEU A 411 -4.63 -11.21 -7.31
C LEU A 411 -5.93 -11.83 -6.82
N TYR A 412 -5.93 -13.14 -6.53
CA TYR A 412 -7.17 -13.74 -6.02
C TYR A 412 -7.63 -13.05 -4.76
N ARG A 413 -6.71 -12.73 -3.84
CA ARG A 413 -7.16 -12.03 -2.64
C ARG A 413 -7.24 -10.51 -2.80
N ALA A 414 -6.46 -9.92 -3.71
CA ALA A 414 -6.50 -8.47 -3.86
C ALA A 414 -7.80 -8.02 -4.51
N TYR A 415 -8.25 -8.75 -5.55
CA TYR A 415 -9.44 -8.39 -6.31
C TYR A 415 -10.58 -9.39 -6.06
N PRO A 416 -11.85 -8.94 -6.08
CA PRO A 416 -12.33 -7.60 -6.40
C PRO A 416 -12.39 -6.60 -5.25
N ARG A 417 -11.89 -6.93 -4.05
CA ARG A 417 -12.01 -5.99 -2.94
C ARG A 417 -11.26 -4.69 -3.22
N ALA A 418 -10.15 -4.77 -3.96
CA ALA A 418 -9.44 -3.55 -4.34
C ALA A 418 -10.34 -2.59 -5.13
N CYS A 419 -11.28 -3.12 -5.91
CA CYS A 419 -12.24 -2.24 -6.61
C CYS A 419 -13.10 -1.46 -5.63
N ALA A 420 -13.52 -2.11 -4.54
CA ALA A 420 -14.28 -1.44 -3.50
C ALA A 420 -13.42 -0.38 -2.82
N ILE A 421 -12.16 -0.73 -2.50
CA ILE A 421 -11.26 0.23 -1.87
C ILE A 421 -11.07 1.45 -2.79
N ALA A 422 -10.92 1.20 -4.08
CA ALA A 422 -10.74 2.28 -5.03
C ALA A 422 -11.93 3.23 -5.01
N GLU A 423 -13.14 2.66 -4.94
CA GLU A 423 -14.33 3.52 -4.89
C GLU A 423 -14.45 4.25 -3.56
N ALA A 424 -14.01 3.62 -2.46
CA ALA A 424 -14.03 4.30 -1.16
C ALA A 424 -13.03 5.46 -1.12
N GLY A 425 -11.90 5.33 -1.82
CA GLY A 425 -10.93 6.41 -1.84
C GLY A 425 -11.30 7.53 -2.79
N TRP A 426 -11.98 7.20 -3.88
CA TRP A 426 -12.30 8.17 -4.93
C TRP A 426 -13.67 8.82 -4.78
N SER A 427 -14.72 8.02 -4.56
CA SER A 427 -16.08 8.50 -4.84
C SER A 427 -16.70 9.21 -3.63
N PRO A 428 -17.33 10.37 -3.81
CA PRO A 428 -18.09 10.97 -2.71
C PRO A 428 -19.19 10.04 -2.23
N MET A 429 -19.49 10.11 -0.92
CA MET A 429 -20.49 9.21 -0.34
C MET A 429 -21.83 9.33 -1.05
N GLY A 430 -22.16 10.50 -1.57
CA GLY A 430 -23.46 10.73 -2.18
C GLY A 430 -23.70 9.97 -3.47
N VAL A 431 -22.64 9.46 -4.11
CA VAL A 431 -22.80 8.65 -5.30
C VAL A 431 -22.50 7.18 -5.06
N ARG A 432 -22.24 6.79 -3.81
CA ARG A 432 -21.88 5.41 -3.49
C ARG A 432 -23.12 4.65 -3.02
N SER A 433 -23.24 3.40 -3.47
CA SER A 433 -24.23 2.48 -2.94
C SER A 433 -23.79 1.06 -3.27
N TRP A 434 -24.05 0.14 -2.35
CA TRP A 434 -23.71 -1.26 -2.59
C TRP A 434 -24.39 -1.80 -3.83
N GLU A 435 -25.66 -1.44 -4.05
CA GLU A 435 -26.36 -2.00 -5.21
C GLU A 435 -25.76 -1.53 -6.53
N ASN A 436 -25.40 -0.25 -6.62
CA ASN A 436 -24.78 0.24 -7.84
C ASN A 436 -23.40 -0.39 -8.04
N PHE A 437 -22.61 -0.45 -6.96
CA PHE A 437 -21.28 -1.06 -7.06
C PHE A 437 -21.37 -2.51 -7.50
N ARG A 438 -22.30 -3.28 -6.92
CA ARG A 438 -22.44 -4.68 -7.29
C ARG A 438 -22.81 -4.84 -8.76
N ARG A 439 -23.73 -4.00 -9.26
CA ARG A 439 -24.07 -4.04 -10.69
C ARG A 439 -22.84 -3.81 -11.57
N LYS A 440 -22.09 -2.74 -11.25
CA LYS A 440 -20.92 -2.42 -12.04
C LYS A 440 -19.88 -3.53 -12.00
N LEU A 441 -19.66 -4.11 -10.82
CA LEU A 441 -18.63 -5.13 -10.68
C LEU A 441 -18.97 -6.37 -11.50
N ALA A 442 -20.27 -6.72 -11.53
CA ALA A 442 -20.72 -7.76 -12.45
C ALA A 442 -20.21 -7.48 -13.87
N ASP A 443 -20.39 -6.24 -14.35
CA ASP A 443 -19.88 -5.92 -15.69
C ASP A 443 -18.35 -6.01 -15.76
N HIS A 444 -17.67 -5.63 -14.68
CA HIS A 444 -16.22 -5.60 -14.72
C HIS A 444 -15.61 -7.00 -14.82
N ARG A 445 -16.35 -8.05 -14.43
CA ARG A 445 -15.79 -9.38 -14.67
C ARG A 445 -15.38 -9.55 -16.14
N GLN A 446 -16.28 -9.21 -17.07
CA GLN A 446 -15.95 -9.27 -18.49
C GLN A 446 -14.91 -8.24 -18.89
N PHE A 447 -14.99 -7.01 -18.34
CA PHE A 447 -13.96 -6.02 -18.69
C PHE A 447 -12.55 -6.54 -18.39
N ILE A 448 -12.38 -7.09 -17.19
CA ILE A 448 -11.04 -7.51 -16.76
C ILE A 448 -10.62 -8.78 -17.48
N LEU A 449 -11.56 -9.69 -17.74
CA LEU A 449 -11.22 -10.84 -18.58
C LEU A 449 -10.63 -10.40 -19.90
N LYS A 450 -11.28 -9.43 -20.56
CA LYS A 450 -10.85 -9.06 -21.90
C LYS A 450 -9.58 -8.23 -21.89
N ARG A 451 -9.43 -7.32 -20.92
CA ARG A 451 -8.27 -6.41 -20.95
C ARG A 451 -7.03 -7.05 -20.35
N PHE A 452 -7.18 -7.79 -19.25
CA PHE A 452 -6.05 -8.31 -18.51
C PHE A 452 -5.95 -9.82 -18.56
N ASN A 453 -6.86 -10.49 -19.26
CA ASN A 453 -6.84 -11.94 -19.34
C ASN A 453 -6.87 -12.55 -17.93
N TYR A 454 -7.70 -11.97 -17.06
CA TYR A 454 -7.70 -12.35 -15.65
C TYR A 454 -9.14 -12.52 -15.18
N ASP A 455 -9.39 -13.55 -14.35
CA ASP A 455 -10.75 -13.91 -13.93
C ASP A 455 -10.99 -13.46 -12.49
N MET A 456 -11.88 -12.47 -12.31
CA MET A 456 -12.22 -11.96 -10.98
C MET A 456 -13.38 -12.70 -10.33
N GLU A 457 -13.89 -13.77 -10.91
CA GLU A 457 -15.00 -14.49 -10.27
C GLU A 457 -14.54 -15.13 -8.97
N ARG A 458 -15.39 -15.06 -7.93
CA ARG A 458 -15.05 -15.57 -6.61
C ARG A 458 -16.16 -16.48 -6.12
N THR A 459 -15.82 -17.73 -5.86
CA THR A 459 -16.68 -18.68 -5.16
C THR A 459 -15.89 -19.27 -4.00
N GLN A 460 -16.60 -19.90 -3.07
CA GLN A 460 -15.89 -20.46 -1.93
C GLN A 460 -14.81 -21.44 -2.37
N GLY A 461 -15.07 -22.20 -3.42
CA GLY A 461 -14.16 -23.24 -3.83
C GLY A 461 -13.13 -22.94 -4.90
N ASN A 462 -13.10 -21.73 -5.48
CA ASN A 462 -12.22 -21.51 -6.62
C ASN A 462 -10.96 -20.72 -6.28
N GLU A 463 -10.61 -20.59 -4.99
CA GLU A 463 -9.29 -20.04 -4.68
C GLU A 463 -8.21 -21.02 -5.13
N PRO A 464 -7.12 -20.54 -5.73
CA PRO A 464 -6.03 -21.44 -6.10
C PRO A 464 -5.52 -22.24 -4.91
N ALA A 465 -5.09 -23.48 -5.19
CA ALA A 465 -4.67 -24.37 -4.13
C ALA A 465 -3.33 -23.92 -3.52
N PHE A 466 -3.17 -24.19 -2.23
CA PHE A 466 -1.95 -23.93 -1.49
C PHE A 466 -1.23 -25.24 -1.22
N ARG A 467 0.07 -25.15 -0.99
CA ARG A 467 0.87 -26.30 -0.60
C ARG A 467 0.86 -26.56 0.91
N TRP A 468 0.38 -25.63 1.71
CA TRP A 468 0.53 -25.72 3.16
C TRP A 468 -0.72 -26.27 3.83
N GLU A 469 -0.53 -26.89 4.99
CA GLU A 469 -1.58 -27.50 5.81
C GLU A 469 -2.56 -28.33 4.98
#